data_5VIS
#
_entry.id   5VIS
#
_cell.length_a   101.822
_cell.length_b   101.822
_cell.length_c   206.137
_cell.angle_alpha   90.00
_cell.angle_beta   90.00
_cell.angle_gamma   120.00
#
_symmetry.space_group_name_H-M   'P 64 2 2'
#
loop_
_entity.id
_entity.type
_entity.pdbx_description
1 polymer 'Dihydropteroate Synthase'
2 non-polymer 'MALONIC ACID'
3 non-polymer 'CHLORIDE ION'
4 non-polymer 'POTASSIUM ION'
5 non-polymer 'D(-)-TARTARIC ACID'
6 non-polymer GLYCEROL
7 water water
#
_entity_poly.entity_id   1
_entity_poly.type   'polypeptide(L)'
_entity_poly.pdbx_seq_one_letter_code
;SNAMAKVKIVGILNVTPNSFHDGGRFVETDKAVVRARELLSQGADIIEIGGESTGPGSNTITADEELARIVPVIRAIRSS
LPDANIAVDTYKAEVARKALELGATMINDVSAGRADPKLFGVVARSNAQIVLMYSKDTDPHTSFDERQYVDVVRTVYDFL
AERKKAAMSAGIPADRIILDTGLGHFVSSDPQYSFQLLAHLSDFQDLGCKLFLSPSRKSFLAGNELLKTADRLPGTIAAS
AIAVLHGADYIRTHDVLEVRRGCEIATAINQPPER
;
_entity_poly.pdbx_strand_id   A,B
#
# COMPACT_ATOMS: atom_id res chain seq x y z
N SER A 1 3.30 17.74 -42.50
CA SER A 1 4.53 18.21 -41.79
C SER A 1 5.01 17.17 -40.75
N ASN A 2 6.06 17.52 -40.03
CA ASN A 2 6.66 16.64 -39.00
C ASN A 2 6.06 16.83 -37.58
N ALA A 3 4.76 17.09 -37.49
CA ALA A 3 4.12 17.30 -36.18
C ALA A 3 3.92 15.99 -35.40
N MET A 4 4.45 15.96 -34.17
N MET A 4 4.45 15.97 -34.18
CA MET A 4 4.34 14.80 -33.30
CA MET A 4 4.34 14.83 -33.27
C MET A 4 3.00 14.88 -32.57
C MET A 4 3.00 14.89 -32.56
N ALA A 5 2.19 13.82 -32.68
CA ALA A 5 0.89 13.79 -32.03
C ALA A 5 1.04 13.68 -30.51
N LYS A 6 0.11 14.31 -29.80
CA LYS A 6 0.06 14.28 -28.35
C LYS A 6 -0.28 12.89 -27.87
N VAL A 7 0.02 12.62 -26.62
CA VAL A 7 -0.34 11.33 -26.04
C VAL A 7 -1.85 11.38 -25.76
N LYS A 8 -2.49 10.22 -25.80
CA LYS A 8 -3.89 10.11 -25.43
C LYS A 8 -3.94 9.82 -23.92
N ILE A 9 -4.63 10.68 -23.18
CA ILE A 9 -4.75 10.57 -21.73
C ILE A 9 -6.01 9.78 -21.41
N VAL A 10 -5.84 8.70 -20.64
CA VAL A 10 -6.91 7.80 -20.26
C VAL A 10 -7.27 8.07 -18.81
N GLY A 11 -8.46 8.61 -18.59
CA GLY A 11 -8.93 8.93 -17.23
C GLY A 11 -9.53 7.70 -16.60
N ILE A 12 -9.14 7.41 -15.36
CA ILE A 12 -9.65 6.24 -14.66
C ILE A 12 -10.99 6.53 -13.97
N LEU A 13 -12.00 5.72 -14.31
CA LEU A 13 -13.31 5.84 -13.69
C LEU A 13 -13.68 4.50 -13.08
N ASN A 14 -13.40 4.33 -11.79
N ASN A 14 -13.41 4.36 -11.79
CA ASN A 14 -13.71 3.08 -11.08
CA ASN A 14 -13.74 3.13 -11.07
C ASN A 14 -15.09 3.21 -10.42
C ASN A 14 -15.14 3.26 -10.49
N VAL A 15 -15.98 2.25 -10.73
CA VAL A 15 -17.34 2.25 -10.19
C VAL A 15 -17.35 1.21 -9.07
N THR A 16 -17.38 1.69 -7.81
CA THR A 16 -17.39 0.81 -6.63
C THR A 16 -18.46 1.32 -5.67
N PRO A 17 -19.47 0.50 -5.36
CA PRO A 17 -20.51 0.97 -4.44
C PRO A 17 -19.97 1.17 -3.01
N ASN A 18 -20.57 2.10 -2.27
CA ASN A 18 -20.19 2.34 -0.86
C ASN A 18 -20.94 1.33 -0.03
N SER A 19 -22.25 1.30 -0.22
CA SER A 19 -23.12 0.38 0.49
C SER A 19 -22.90 -1.05 -0.02
N PHE A 20 -22.60 -1.95 0.90
CA PHE A 20 -22.36 -3.38 0.61
C PHE A 20 -23.66 -4.09 0.21
N HIS A 21 -24.80 -3.61 0.75
CA HIS A 21 -26.12 -4.19 0.50
C HIS A 21 -26.78 -3.58 -0.75
N ASP A 22 -27.99 -4.03 -1.07
CA ASP A 22 -28.74 -3.52 -2.23
C ASP A 22 -29.38 -2.15 -1.96
N GLY A 23 -29.50 -1.35 -3.02
CA GLY A 23 -30.06 -0.01 -2.92
C GLY A 23 -28.96 1.02 -3.10
N GLY A 24 -29.33 2.26 -3.43
CA GLY A 24 -28.37 3.35 -3.61
C GLY A 24 -27.52 3.25 -4.89
N ARG A 25 -28.04 2.57 -5.91
CA ARG A 25 -27.26 2.44 -7.16
C ARG A 25 -27.41 3.68 -8.06
N PHE A 26 -28.59 4.31 -8.09
CA PHE A 26 -28.77 5.52 -8.91
C PHE A 26 -27.80 6.62 -8.44
N VAL A 27 -27.61 6.72 -7.12
CA VAL A 27 -26.72 7.73 -6.54
C VAL A 27 -25.27 7.49 -6.97
N GLU A 28 -24.84 6.22 -6.92
CA GLU A 28 -23.47 5.83 -7.33
C GLU A 28 -23.28 6.08 -8.84
N THR A 29 -24.31 5.78 -9.62
CA THR A 29 -24.25 6.00 -11.06
C THR A 29 -24.10 7.52 -11.33
N ASP A 30 -24.90 8.34 -10.64
CA ASP A 30 -24.83 9.81 -10.80
C ASP A 30 -23.44 10.31 -10.42
N LYS A 31 -22.85 9.77 -9.36
CA LYS A 31 -21.49 10.19 -8.93
C LYS A 31 -20.46 9.87 -10.01
N ALA A 32 -20.60 8.70 -10.64
CA ALA A 32 -19.66 8.28 -11.69
C ALA A 32 -19.75 9.21 -12.89
N VAL A 33 -20.97 9.62 -13.24
CA VAL A 33 -21.18 10.52 -14.37
C VAL A 33 -20.54 11.89 -14.08
N VAL A 34 -20.71 12.39 -12.85
CA VAL A 34 -20.09 13.66 -12.47
C VAL A 34 -18.56 13.56 -12.62
N ARG A 35 -18.00 12.43 -12.17
CA ARG A 35 -16.56 12.22 -12.28
C ARG A 35 -16.14 12.13 -13.75
N ALA A 36 -16.96 11.48 -14.58
CA ALA A 36 -16.64 11.39 -16.00
C ALA A 36 -16.55 12.80 -16.63
N ARG A 37 -17.49 13.68 -16.27
N ARG A 37 -17.49 13.68 -16.27
CA ARG A 37 -17.48 15.06 -16.80
CA ARG A 37 -17.48 15.05 -16.79
C ARG A 37 -16.21 15.79 -16.37
C ARG A 37 -16.21 15.80 -16.37
N GLU A 38 -15.79 15.58 -15.12
CA GLU A 38 -14.58 16.23 -14.60
C GLU A 38 -13.34 15.72 -15.34
N LEU A 39 -13.27 14.40 -15.58
CA LEU A 39 -12.15 13.83 -16.33
C LEU A 39 -12.06 14.47 -17.71
N LEU A 40 -13.20 14.59 -18.38
CA LEU A 40 -13.25 15.22 -19.73
C LEU A 40 -12.87 16.69 -19.63
N SER A 41 -13.35 17.38 -18.61
CA SER A 41 -13.02 18.79 -18.40
C SER A 41 -11.51 19.00 -18.21
N GLN A 42 -10.84 18.04 -17.59
CA GLN A 42 -9.39 18.11 -17.36
C GLN A 42 -8.57 17.78 -18.61
N GLY A 43 -9.23 17.26 -19.63
CA GLY A 43 -8.57 16.94 -20.90
C GLY A 43 -8.35 15.48 -21.20
N ALA A 44 -9.10 14.58 -20.55
CA ALA A 44 -8.96 13.15 -20.86
C ALA A 44 -9.50 12.87 -22.27
N ASP A 45 -8.80 12.03 -22.99
CA ASP A 45 -9.23 11.61 -24.34
C ASP A 45 -10.13 10.39 -24.29
N ILE A 46 -9.93 9.56 -23.28
CA ILE A 46 -10.69 8.31 -23.12
C ILE A 46 -11.05 8.17 -21.67
N ILE A 47 -12.27 7.70 -21.39
CA ILE A 47 -12.72 7.46 -20.02
C ILE A 47 -12.71 5.94 -19.91
N GLU A 48 -11.88 5.40 -19.01
N GLU A 48 -11.87 5.41 -19.02
CA GLU A 48 -11.76 3.96 -18.79
CA GLU A 48 -11.79 3.97 -18.80
C GLU A 48 -12.60 3.56 -17.59
C GLU A 48 -12.63 3.60 -17.59
N ILE A 49 -13.75 2.92 -17.86
CA ILE A 49 -14.69 2.49 -16.83
C ILE A 49 -14.42 1.05 -16.41
N GLY A 50 -14.34 0.84 -15.10
CA GLY A 50 -14.11 -0.48 -14.54
C GLY A 50 -14.97 -0.71 -13.31
N GLY A 51 -15.56 -1.90 -13.23
CA GLY A 51 -16.38 -2.26 -12.10
C GLY A 51 -15.69 -3.24 -11.18
N GLU A 52 -14.52 -3.72 -11.57
CA GLU A 52 -13.77 -4.68 -10.77
C GLU A 52 -12.32 -4.29 -10.66
N SER A 53 -11.87 -3.99 -9.46
CA SER A 53 -10.47 -3.63 -9.24
C SER A 53 -9.62 -4.89 -9.38
N THR A 54 -8.42 -4.78 -9.97
CA THR A 54 -7.52 -5.92 -10.12
C THR A 54 -6.14 -5.72 -9.47
N GLY A 55 -5.98 -4.64 -8.72
CA GLY A 55 -4.72 -4.41 -7.99
C GLY A 55 -4.64 -5.39 -6.82
N PRO A 56 -3.51 -5.41 -6.12
CA PRO A 56 -3.38 -6.33 -4.99
C PRO A 56 -4.40 -6.04 -3.87
N GLY A 57 -4.91 -7.10 -3.26
CA GLY A 57 -5.91 -7.00 -2.18
C GLY A 57 -7.34 -6.94 -2.71
N SER A 58 -7.49 -6.69 -4.02
CA SER A 58 -8.81 -6.56 -4.64
C SER A 58 -9.63 -7.84 -4.62
N ASN A 59 -10.95 -7.66 -4.58
CA ASN A 59 -11.90 -8.77 -4.55
C ASN A 59 -12.44 -9.09 -5.94
N THR A 60 -12.70 -10.37 -6.17
CA THR A 60 -13.26 -10.83 -7.43
C THR A 60 -14.77 -10.61 -7.35
N ILE A 61 -15.40 -10.23 -8.45
CA ILE A 61 -16.85 -10.07 -8.48
C ILE A 61 -17.40 -10.82 -9.67
N THR A 62 -18.69 -11.14 -9.62
CA THR A 62 -19.32 -11.86 -10.69
C THR A 62 -19.56 -10.97 -11.89
N ALA A 63 -19.74 -11.57 -13.05
CA ALA A 63 -20.05 -10.81 -14.26
C ALA A 63 -21.33 -9.99 -14.06
N ASP A 64 -22.33 -10.59 -13.40
CA ASP A 64 -23.61 -9.91 -13.12
C ASP A 64 -23.43 -8.65 -12.29
N GLU A 65 -22.62 -8.72 -11.23
CA GLU A 65 -22.39 -7.54 -10.38
C GLU A 65 -21.57 -6.53 -11.15
N GLU A 66 -20.61 -7.01 -11.95
CA GLU A 66 -19.73 -6.13 -12.73
C GLU A 66 -20.60 -5.35 -13.73
N LEU A 67 -21.49 -6.04 -14.42
CA LEU A 67 -22.42 -5.38 -15.36
C LEU A 67 -23.36 -4.43 -14.64
N ALA A 68 -23.88 -4.87 -13.48
CA ALA A 68 -24.79 -4.01 -12.69
C ALA A 68 -24.12 -2.67 -12.34
N ARG A 69 -22.81 -2.70 -12.12
CA ARG A 69 -22.06 -1.50 -11.80
C ARG A 69 -21.80 -0.60 -13.02
N ILE A 70 -21.28 -1.18 -14.09
CA ILE A 70 -20.88 -0.36 -15.23
C ILE A 70 -21.93 -0.04 -16.29
N VAL A 71 -22.89 -0.93 -16.50
CA VAL A 71 -23.90 -0.69 -17.55
C VAL A 71 -24.63 0.65 -17.39
N PRO A 72 -25.19 0.94 -16.19
CA PRO A 72 -25.88 2.23 -16.06
C PRO A 72 -24.96 3.42 -16.31
N VAL A 73 -23.70 3.28 -15.91
CA VAL A 73 -22.70 4.35 -16.11
C VAL A 73 -22.39 4.55 -17.58
N ILE A 74 -22.12 3.47 -18.29
CA ILE A 74 -21.84 3.53 -19.74
C ILE A 74 -23.04 4.15 -20.44
N ARG A 75 -24.23 3.65 -20.12
CA ARG A 75 -25.46 4.17 -20.75
C ARG A 75 -25.67 5.67 -20.49
N ALA A 76 -25.43 6.11 -19.27
CA ALA A 76 -25.62 7.54 -18.94
C ALA A 76 -24.60 8.44 -19.66
N ILE A 77 -23.35 8.01 -19.74
CA ILE A 77 -22.30 8.77 -20.43
C ILE A 77 -22.56 8.82 -21.94
N ARG A 78 -22.82 7.68 -22.56
CA ARG A 78 -23.10 7.63 -24.00
C ARG A 78 -24.32 8.51 -24.37
N SER A 79 -25.30 8.55 -23.47
CA SER A 79 -26.50 9.34 -23.66
C SER A 79 -26.29 10.86 -23.57
N SER A 80 -25.61 11.29 -22.50
CA SER A 80 -25.41 12.72 -22.26
C SER A 80 -24.11 13.27 -22.83
N LEU A 81 -23.11 12.41 -22.99
CA LEU A 81 -21.79 12.80 -23.53
C LEU A 81 -21.44 11.87 -24.69
N PRO A 82 -22.23 11.90 -25.77
CA PRO A 82 -21.98 10.99 -26.91
C PRO A 82 -20.61 11.18 -27.59
N ASP A 83 -19.98 12.34 -27.40
CA ASP A 83 -18.67 12.59 -28.00
C ASP A 83 -17.55 11.85 -27.28
N ALA A 84 -17.80 11.45 -26.03
CA ALA A 84 -16.77 10.77 -25.23
C ALA A 84 -16.43 9.35 -25.67
N ASN A 85 -15.14 9.06 -25.70
CA ASN A 85 -14.64 7.73 -26.06
C ASN A 85 -14.51 6.93 -24.76
N ILE A 86 -15.14 5.77 -24.76
CA ILE A 86 -15.17 4.91 -23.59
C ILE A 86 -14.41 3.59 -23.74
N ALA A 87 -13.58 3.29 -22.75
CA ALA A 87 -12.85 2.04 -22.68
C ALA A 87 -13.43 1.31 -21.48
N VAL A 88 -13.39 -0.02 -21.49
CA VAL A 88 -13.86 -0.81 -20.36
C VAL A 88 -12.73 -1.74 -19.94
N ASP A 89 -12.41 -1.66 -18.65
CA ASP A 89 -11.39 -2.47 -17.99
C ASP A 89 -12.07 -3.73 -17.48
N THR A 90 -11.96 -4.82 -18.24
CA THR A 90 -12.56 -6.10 -17.85
C THR A 90 -11.78 -7.23 -18.47
N TYR A 91 -11.83 -8.39 -17.82
CA TYR A 91 -11.20 -9.59 -18.36
C TYR A 91 -12.27 -10.62 -18.72
N LYS A 92 -13.54 -10.27 -18.51
CA LYS A 92 -14.63 -11.21 -18.80
C LYS A 92 -15.29 -10.95 -20.15
N ALA A 93 -15.41 -12.01 -20.95
CA ALA A 93 -16.00 -11.92 -22.29
C ALA A 93 -17.42 -11.37 -22.32
N GLU A 94 -18.26 -11.84 -21.39
N GLU A 94 -18.29 -11.83 -21.42
CA GLU A 94 -19.66 -11.41 -21.28
CA GLU A 94 -19.68 -11.35 -21.42
C GLU A 94 -19.77 -9.90 -21.01
C GLU A 94 -19.78 -9.87 -21.02
N VAL A 95 -18.86 -9.40 -20.18
CA VAL A 95 -18.84 -7.98 -19.81
C VAL A 95 -18.36 -7.16 -21.00
N ALA A 96 -17.29 -7.63 -21.67
CA ALA A 96 -16.77 -6.97 -22.85
C ALA A 96 -17.86 -6.92 -23.93
N ARG A 97 -18.52 -8.05 -24.14
N ARG A 97 -18.53 -8.04 -24.16
CA ARG A 97 -19.60 -8.16 -25.14
CA ARG A 97 -19.59 -8.10 -25.18
C ARG A 97 -20.66 -7.07 -24.97
C ARG A 97 -20.65 -7.03 -24.97
N LYS A 98 -21.19 -6.94 -23.76
CA LYS A 98 -22.21 -5.95 -23.44
C LYS A 98 -21.66 -4.52 -23.57
N ALA A 99 -20.44 -4.31 -23.07
CA ALA A 99 -19.80 -2.99 -23.16
C ALA A 99 -19.67 -2.53 -24.61
N LEU A 100 -19.26 -3.44 -25.49
CA LEU A 100 -19.09 -3.12 -26.91
C LEU A 100 -20.45 -2.81 -27.56
N GLU A 101 -21.49 -3.54 -27.18
CA GLU A 101 -22.84 -3.27 -27.72
C GLU A 101 -23.30 -1.86 -27.32
N LEU A 102 -22.90 -1.41 -26.12
CA LEU A 102 -23.29 -0.10 -25.61
C LEU A 102 -22.45 1.07 -26.16
N GLY A 103 -21.41 0.78 -26.94
CA GLY A 103 -20.59 1.82 -27.57
C GLY A 103 -19.15 1.98 -27.13
N ALA A 104 -18.67 1.11 -26.25
CA ALA A 104 -17.27 1.15 -25.81
C ALA A 104 -16.42 0.80 -27.03
N THR A 105 -15.27 1.45 -27.17
CA THR A 105 -14.40 1.22 -28.33
C THR A 105 -13.03 0.69 -27.98
N MET A 106 -12.83 0.32 -26.71
CA MET A 106 -11.56 -0.22 -26.26
C MET A 106 -11.84 -1.11 -25.06
N ILE A 107 -11.15 -2.24 -24.99
CA ILE A 107 -11.25 -3.18 -23.90
C ILE A 107 -9.85 -3.36 -23.34
N ASN A 108 -9.69 -3.13 -22.04
N ASN A 108 -9.68 -3.09 -22.04
CA ASN A 108 -8.38 -3.27 -21.38
CA ASN A 108 -8.38 -3.30 -21.39
C ASN A 108 -8.41 -4.54 -20.52
C ASN A 108 -8.51 -4.59 -20.60
N ASP A 109 -7.74 -5.59 -20.99
CA ASP A 109 -7.74 -6.90 -20.33
C ASP A 109 -6.42 -7.13 -19.60
N VAL A 110 -6.51 -7.04 -18.28
CA VAL A 110 -5.38 -7.21 -17.37
C VAL A 110 -4.73 -8.60 -17.52
N SER A 111 -5.47 -9.57 -18.07
CA SER A 111 -4.96 -10.93 -18.25
C SER A 111 -4.45 -11.18 -19.66
N ALA A 112 -4.52 -10.17 -20.53
CA ALA A 112 -4.10 -10.30 -21.95
C ALA A 112 -4.76 -11.48 -22.66
N GLY A 113 -6.07 -11.65 -22.40
CA GLY A 113 -6.84 -12.71 -23.03
C GLY A 113 -6.71 -14.10 -22.42
N ARG A 114 -6.01 -14.21 -21.31
CA ARG A 114 -5.83 -15.52 -20.66
C ARG A 114 -6.93 -15.95 -19.71
N ALA A 115 -7.63 -14.99 -19.10
CA ALA A 115 -8.66 -15.30 -18.11
C ALA A 115 -9.90 -15.90 -18.73
N ASP A 116 -10.33 -15.35 -19.86
CA ASP A 116 -11.53 -15.83 -20.54
C ASP A 116 -11.22 -16.09 -22.02
N PRO A 117 -11.13 -17.38 -22.41
CA PRO A 117 -10.86 -17.80 -23.81
C PRO A 117 -11.80 -17.18 -24.87
N LYS A 118 -12.98 -16.72 -24.47
CA LYS A 118 -13.92 -16.12 -25.41
C LYS A 118 -13.75 -14.61 -25.63
N LEU A 119 -12.96 -13.94 -24.77
CA LEU A 119 -12.83 -12.49 -24.89
C LEU A 119 -12.22 -12.01 -26.22
N PHE A 120 -11.14 -12.64 -26.68
CA PHE A 120 -10.54 -12.24 -27.96
C PHE A 120 -11.58 -12.26 -29.09
N GLY A 121 -12.36 -13.33 -29.17
CA GLY A 121 -13.41 -13.47 -30.20
C GLY A 121 -14.42 -12.34 -30.16
N VAL A 122 -14.84 -11.98 -28.94
CA VAL A 122 -15.80 -10.88 -28.76
C VAL A 122 -15.23 -9.57 -29.29
N VAL A 123 -13.97 -9.30 -28.95
CA VAL A 123 -13.31 -8.10 -29.43
C VAL A 123 -13.12 -8.18 -30.95
N ALA A 124 -12.72 -9.35 -31.44
CA ALA A 124 -12.50 -9.54 -32.88
C ALA A 124 -13.70 -9.17 -33.74
N ARG A 125 -14.90 -9.54 -33.28
CA ARG A 125 -16.14 -9.27 -34.00
C ARG A 125 -16.62 -7.81 -33.93
N SER A 126 -15.94 -7.00 -33.13
CA SER A 126 -16.22 -5.56 -33.01
C SER A 126 -15.07 -4.89 -33.72
N ASN A 127 -15.01 -3.56 -33.69
CA ASN A 127 -13.87 -2.86 -34.28
C ASN A 127 -13.07 -2.27 -33.15
N ALA A 128 -13.32 -2.75 -31.94
CA ALA A 128 -12.66 -2.21 -30.78
C ALA A 128 -11.20 -2.55 -30.70
N GLN A 129 -10.47 -1.68 -30.01
CA GLN A 129 -9.07 -1.91 -29.76
C GLN A 129 -9.00 -2.69 -28.47
N ILE A 130 -7.95 -3.49 -28.32
CA ILE A 130 -7.74 -4.24 -27.11
C ILE A 130 -6.37 -3.89 -26.54
N VAL A 131 -6.32 -3.68 -25.22
CA VAL A 131 -5.07 -3.40 -24.53
C VAL A 131 -4.68 -4.70 -23.84
N LEU A 132 -3.52 -5.24 -24.20
CA LEU A 132 -2.99 -6.47 -23.61
C LEU A 132 -1.91 -6.08 -22.62
N MET A 133 -2.17 -6.31 -21.34
N MET A 133 -2.15 -6.34 -21.34
CA MET A 133 -1.20 -5.99 -20.27
CA MET A 133 -1.17 -5.99 -20.32
C MET A 133 -0.40 -7.22 -19.85
C MET A 133 -0.40 -7.21 -19.86
N TYR A 134 0.88 -7.01 -19.54
CA TYR A 134 1.71 -8.08 -18.98
C TYR A 134 1.41 -8.09 -17.47
N SER A 135 1.22 -9.28 -16.94
CA SER A 135 1.06 -9.49 -15.47
C SER A 135 1.88 -10.71 -15.13
N LYS A 136 2.57 -10.67 -13.99
CA LYS A 136 3.38 -11.77 -13.52
C LYS A 136 2.51 -12.96 -13.03
N ASP A 137 1.23 -12.71 -12.82
CA ASP A 137 0.30 -13.71 -12.31
C ASP A 137 -0.66 -14.16 -13.40
N THR A 138 -1.11 -15.41 -13.30
CA THR A 138 -2.10 -15.94 -14.22
C THR A 138 -3.49 -15.38 -13.81
N ASP A 139 -3.76 -15.36 -12.51
CA ASP A 139 -5.00 -14.80 -11.95
C ASP A 139 -5.02 -13.31 -12.32
N PRO A 140 -6.16 -12.79 -12.83
CA PRO A 140 -6.24 -11.36 -13.18
C PRO A 140 -6.01 -10.41 -11.99
N HIS A 141 -6.33 -10.85 -10.78
CA HIS A 141 -6.10 -10.03 -9.57
C HIS A 141 -4.63 -10.28 -9.21
N THR A 142 -3.82 -9.23 -9.27
CA THR A 142 -2.40 -9.39 -9.05
C THR A 142 -2.07 -9.50 -7.55
N SER A 143 -0.95 -10.15 -7.26
CA SER A 143 -0.52 -10.36 -5.90
C SER A 143 0.62 -9.46 -5.45
N PHE A 144 0.73 -9.29 -4.13
CA PHE A 144 1.91 -8.63 -3.57
C PHE A 144 2.97 -9.76 -3.59
N ASP A 145 4.06 -9.55 -4.33
CA ASP A 145 5.11 -10.55 -4.46
C ASP A 145 6.34 -9.89 -5.06
N GLU A 146 7.48 -10.00 -4.37
CA GLU A 146 8.74 -9.37 -4.84
C GLU A 146 9.44 -10.26 -5.87
N ARG A 147 8.72 -10.49 -6.96
CA ARG A 147 9.19 -11.31 -8.07
C ARG A 147 10.49 -10.77 -8.64
N GLN A 148 11.46 -11.67 -8.86
CA GLN A 148 12.74 -11.30 -9.45
C GLN A 148 12.80 -11.81 -10.89
N TYR A 149 13.64 -11.16 -11.70
CA TYR A 149 13.80 -11.53 -13.11
C TYR A 149 15.25 -11.45 -13.50
N VAL A 150 15.68 -12.33 -14.39
CA VAL A 150 17.04 -12.27 -14.94
C VAL A 150 17.09 -11.01 -15.81
N ASP A 151 16.05 -10.80 -16.61
CA ASP A 151 15.92 -9.62 -17.48
C ASP A 151 14.44 -9.41 -17.69
N VAL A 152 13.86 -8.48 -16.92
CA VAL A 152 12.42 -8.25 -17.02
C VAL A 152 11.98 -7.78 -18.40
N VAL A 153 12.85 -7.04 -19.08
CA VAL A 153 12.51 -6.51 -20.39
C VAL A 153 12.30 -7.67 -21.37
N ARG A 154 13.20 -8.65 -21.35
CA ARG A 154 13.07 -9.81 -22.22
C ARG A 154 11.81 -10.63 -21.88
N THR A 155 11.58 -10.85 -20.59
CA THR A 155 10.42 -11.63 -20.15
C THR A 155 9.12 -10.98 -20.63
N VAL A 156 9.00 -9.68 -20.42
CA VAL A 156 7.79 -8.94 -20.81
C VAL A 156 7.64 -8.86 -22.34
N TYR A 157 8.74 -8.60 -23.04
CA TYR A 157 8.72 -8.53 -24.49
C TYR A 157 8.23 -9.87 -25.06
N ASP A 158 8.80 -10.97 -24.58
CA ASP A 158 8.42 -12.29 -25.07
C ASP A 158 6.94 -12.59 -24.79
N PHE A 159 6.47 -12.22 -23.59
CA PHE A 159 5.07 -12.43 -23.22
C PHE A 159 4.15 -11.64 -24.14
N LEU A 160 4.44 -10.35 -24.33
CA LEU A 160 3.61 -9.49 -25.19
C LEU A 160 3.63 -9.96 -26.64
N ALA A 161 4.78 -10.43 -27.12
CA ALA A 161 4.84 -10.94 -28.51
C ALA A 161 3.91 -12.13 -28.67
N GLU A 162 3.88 -13.01 -27.66
CA GLU A 162 3.06 -14.22 -27.68
C GLU A 162 1.57 -13.88 -27.57
N ARG A 163 1.22 -12.91 -26.73
CA ARG A 163 -0.18 -12.51 -26.60
C ARG A 163 -0.67 -11.78 -27.85
N LYS A 164 0.21 -11.01 -28.48
CA LYS A 164 -0.14 -10.33 -29.73
C LYS A 164 -0.47 -11.40 -30.78
N LYS A 165 0.39 -12.41 -30.86
CA LYS A 165 0.20 -13.52 -31.83
C LYS A 165 -1.14 -14.22 -31.58
N ALA A 166 -1.41 -14.49 -30.30
CA ALA A 166 -2.66 -15.16 -29.90
C ALA A 166 -3.88 -14.32 -30.27
N ALA A 167 -3.80 -13.01 -30.06
CA ALA A 167 -4.91 -12.11 -30.39
C ALA A 167 -5.15 -12.10 -31.89
N MET A 168 -4.06 -12.04 -32.66
CA MET A 168 -4.16 -12.06 -34.12
C MET A 168 -4.74 -13.37 -34.64
N SER A 169 -4.36 -14.49 -34.03
CA SER A 169 -4.90 -15.81 -34.44
C SER A 169 -6.40 -15.89 -34.19
N ALA A 170 -6.86 -15.16 -33.16
CA ALA A 170 -8.29 -15.11 -32.82
C ALA A 170 -9.07 -14.11 -33.71
N GLY A 171 -8.39 -13.40 -34.60
CA GLY A 171 -9.05 -12.47 -35.53
C GLY A 171 -8.92 -10.98 -35.26
N ILE A 172 -8.09 -10.58 -34.30
CA ILE A 172 -7.91 -9.17 -34.03
C ILE A 172 -6.67 -8.73 -34.82
N PRO A 173 -6.81 -7.74 -35.72
CA PRO A 173 -5.60 -7.32 -36.45
C PRO A 173 -4.63 -6.52 -35.60
N ALA A 174 -3.36 -6.49 -36.02
CA ALA A 174 -2.31 -5.77 -35.31
C ALA A 174 -2.61 -4.30 -35.03
N ASP A 175 -3.31 -3.64 -35.96
CA ASP A 175 -3.64 -2.21 -35.78
C ASP A 175 -4.66 -1.94 -34.64
N ARG A 176 -5.29 -3.00 -34.12
CA ARG A 176 -6.24 -2.85 -33.02
C ARG A 176 -5.70 -3.43 -31.71
N ILE A 177 -4.42 -3.80 -31.71
CA ILE A 177 -3.77 -4.36 -30.54
C ILE A 177 -2.84 -3.32 -29.93
N ILE A 178 -3.07 -3.01 -28.65
CA ILE A 178 -2.29 -2.05 -27.85
C ILE A 178 -1.59 -2.86 -26.76
N LEU A 179 -0.33 -2.55 -26.47
CA LEU A 179 0.42 -3.32 -25.50
C LEU A 179 0.81 -2.48 -24.30
N ASP A 180 0.70 -3.08 -23.12
CA ASP A 180 1.03 -2.42 -21.85
C ASP A 180 1.99 -3.37 -21.15
N THR A 181 3.19 -2.87 -20.84
CA THR A 181 4.20 -3.69 -20.17
C THR A 181 3.84 -4.04 -18.73
N GLY A 182 2.86 -3.33 -18.19
CA GLY A 182 2.54 -3.45 -16.80
C GLY A 182 3.55 -2.57 -16.04
N LEU A 183 3.17 -2.16 -14.84
CA LEU A 183 4.05 -1.42 -13.94
C LEU A 183 3.61 -1.76 -12.53
N GLY A 184 4.47 -1.47 -11.57
CA GLY A 184 4.11 -1.76 -10.20
C GLY A 184 3.98 -3.22 -9.90
N HIS A 185 3.05 -3.56 -9.00
CA HIS A 185 2.87 -4.94 -8.56
C HIS A 185 2.58 -5.94 -9.68
N PHE A 186 1.98 -5.48 -10.80
CA PHE A 186 1.72 -6.37 -11.94
C PHE A 186 3.03 -6.97 -12.46
N VAL A 187 4.11 -6.20 -12.37
CA VAL A 187 5.43 -6.64 -12.78
C VAL A 187 6.15 -7.27 -11.60
N SER A 188 6.19 -6.55 -10.49
CA SER A 188 6.83 -7.03 -9.27
C SER A 188 6.65 -6.02 -8.14
N SER A 189 6.56 -6.53 -6.91
CA SER A 189 6.52 -5.65 -5.74
C SER A 189 7.92 -5.05 -5.46
N ASP A 190 8.94 -5.54 -6.18
CA ASP A 190 10.29 -4.97 -6.13
C ASP A 190 10.26 -3.87 -7.21
N PRO A 191 10.40 -2.59 -6.82
CA PRO A 191 10.28 -1.48 -7.80
C PRO A 191 11.28 -1.39 -8.95
N GLN A 192 12.45 -1.99 -8.81
CA GLN A 192 13.48 -1.84 -9.84
C GLN A 192 13.01 -2.24 -11.23
N TYR A 193 12.16 -3.26 -11.30
CA TYR A 193 11.74 -3.77 -12.59
C TYR A 193 10.83 -2.84 -13.37
N SER A 194 10.05 -2.05 -12.65
CA SER A 194 9.20 -1.04 -13.27
C SER A 194 10.07 0.05 -13.91
N PHE A 195 11.11 0.49 -13.19
CA PHE A 195 12.02 1.50 -13.72
C PHE A 195 12.77 0.99 -14.96
N GLN A 196 13.10 -0.30 -14.97
CA GLN A 196 13.80 -0.89 -16.10
C GLN A 196 12.89 -0.94 -17.33
N LEU A 197 11.62 -1.24 -17.14
CA LEU A 197 10.69 -1.24 -18.26
C LEU A 197 10.55 0.18 -18.86
N LEU A 198 10.47 1.18 -17.99
CA LEU A 198 10.40 2.56 -18.45
C LEU A 198 11.68 2.95 -19.17
N ALA A 199 12.82 2.48 -18.68
CA ALA A 199 14.11 2.84 -19.33
C ALA A 199 14.20 2.29 -20.74
N HIS A 200 13.65 1.09 -20.93
CA HIS A 200 13.73 0.38 -22.20
C HIS A 200 12.43 0.32 -22.96
N LEU A 201 11.51 1.22 -22.64
CA LEU A 201 10.21 1.17 -23.29
C LEU A 201 10.31 1.24 -24.81
N SER A 202 11.28 2.01 -25.32
CA SER A 202 11.41 2.14 -26.77
C SER A 202 11.65 0.78 -27.46
N ASP A 203 12.25 -0.19 -26.76
CA ASP A 203 12.50 -1.54 -27.33
C ASP A 203 11.19 -2.24 -27.72
N PHE A 204 10.10 -1.90 -27.03
CA PHE A 204 8.80 -2.52 -27.30
C PHE A 204 8.13 -2.05 -28.60
N GLN A 205 8.62 -0.93 -29.15
CA GLN A 205 8.08 -0.42 -30.40
C GLN A 205 8.28 -1.39 -31.55
N ASP A 206 9.26 -2.28 -31.41
CA ASP A 206 9.55 -3.30 -32.43
C ASP A 206 8.40 -4.30 -32.63
N LEU A 207 7.50 -4.38 -31.66
CA LEU A 207 6.34 -5.29 -31.76
C LEU A 207 5.26 -4.73 -32.70
N GLY A 208 5.45 -3.48 -33.14
CA GLY A 208 4.55 -2.85 -34.10
C GLY A 208 3.18 -2.42 -33.61
N CYS A 209 3.04 -2.24 -32.30
CA CYS A 209 1.77 -1.83 -31.70
C CYS A 209 1.89 -0.56 -30.88
N LYS A 210 0.79 0.17 -30.74
CA LYS A 210 0.80 1.36 -29.89
C LYS A 210 1.04 0.87 -28.45
N LEU A 211 1.62 1.73 -27.62
CA LEU A 211 1.98 1.42 -26.24
C LEU A 211 1.15 2.22 -25.25
N PHE A 212 0.75 1.55 -24.17
CA PHE A 212 -0.14 2.10 -23.13
C PHE A 212 0.49 1.81 -21.79
N LEU A 213 0.67 2.83 -20.95
N LEU A 213 0.66 2.84 -20.97
CA LEU A 213 1.22 2.60 -19.61
CA LEU A 213 1.27 2.69 -19.64
C LEU A 213 0.45 3.39 -18.58
C LEU A 213 0.49 3.44 -18.58
N SER A 214 0.55 2.93 -17.35
CA SER A 214 -0.16 3.55 -16.22
C SER A 214 0.72 3.70 -14.96
N PRO A 215 1.64 4.70 -14.94
CA PRO A 215 2.44 4.88 -13.70
C PRO A 215 1.50 5.11 -12.50
N SER A 216 0.55 6.01 -12.72
CA SER A 216 -0.56 6.32 -11.81
C SER A 216 -0.41 6.02 -10.32
N ARG A 217 0.52 6.72 -9.70
CA ARG A 217 0.75 6.64 -8.24
C ARG A 217 0.98 5.22 -7.69
N LYS A 218 1.51 4.35 -8.55
CA LYS A 218 1.77 2.98 -8.14
C LYS A 218 2.94 2.87 -7.13
N SER A 219 2.95 1.71 -6.49
N SER A 219 2.98 1.75 -6.40
CA SER A 219 3.92 1.28 -5.52
CA SER A 219 4.00 1.50 -5.36
C SER A 219 5.37 1.61 -5.81
C SER A 219 5.44 1.67 -5.79
N PHE A 220 5.76 1.40 -7.06
CA PHE A 220 7.16 1.57 -7.48
C PHE A 220 7.64 3.01 -7.38
N LEU A 221 6.70 3.95 -7.28
CA LEU A 221 7.00 5.37 -7.15
C LEU A 221 7.21 5.79 -5.71
N ALA A 222 7.27 4.82 -4.79
CA ALA A 222 7.49 5.18 -3.38
C ALA A 222 8.84 5.82 -3.14
N GLY A 223 9.86 5.38 -3.88
CA GLY A 223 11.20 5.93 -3.72
C GLY A 223 11.84 5.69 -2.36
N ASN A 224 12.96 6.39 -2.12
CA ASN A 224 13.71 6.26 -0.87
C ASN A 224 12.93 6.71 0.35
N GLU A 225 12.03 7.68 0.16
CA GLU A 225 11.20 8.17 1.25
C GLU A 225 10.02 7.26 1.57
N LEU A 226 9.82 6.20 0.77
CA LEU A 226 8.69 5.29 1.00
C LEU A 226 7.38 6.07 1.00
N LEU A 227 7.26 6.92 -0.01
CA LEU A 227 6.10 7.75 -0.15
C LEU A 227 4.83 6.97 -0.39
N LYS A 228 3.78 7.38 0.28
N LYS A 228 3.77 7.41 0.30
CA LYS A 228 2.50 6.75 0.11
CA LYS A 228 2.44 6.82 0.21
C LYS A 228 1.77 7.42 -1.04
C LYS A 228 1.76 7.44 -1.01
N THR A 229 0.65 6.84 -1.44
CA THR A 229 -0.12 7.35 -2.60
C THR A 229 -0.33 8.86 -2.67
N ALA A 230 -0.68 9.48 -1.56
CA ALA A 230 -0.95 10.93 -1.57
C ALA A 230 0.26 11.80 -1.99
N ASP A 231 1.46 11.28 -1.80
CA ASP A 231 2.69 12.00 -2.12
C ASP A 231 3.35 11.58 -3.43
N ARG A 232 2.72 10.72 -4.21
CA ARG A 232 3.32 10.22 -5.44
C ARG A 232 2.98 10.98 -6.73
N LEU A 233 2.34 12.15 -6.65
CA LEU A 233 2.03 12.87 -7.89
C LEU A 233 3.28 13.34 -8.67
N PRO A 234 4.27 13.94 -7.98
CA PRO A 234 5.45 14.32 -8.77
C PRO A 234 6.09 13.15 -9.49
N GLY A 235 6.23 12.03 -8.80
CA GLY A 235 6.83 10.84 -9.40
C GLY A 235 5.97 10.33 -10.54
N THR A 236 4.65 10.43 -10.39
CA THR A 236 3.72 10.02 -11.44
C THR A 236 3.89 10.90 -12.69
N ILE A 237 4.00 12.21 -12.47
CA ILE A 237 4.23 13.15 -13.58
C ILE A 237 5.54 12.82 -14.29
N ALA A 238 6.61 12.63 -13.52
CA ALA A 238 7.95 12.32 -14.07
C ALA A 238 7.96 11.02 -14.87
N ALA A 239 7.42 9.96 -14.26
CA ALA A 239 7.38 8.66 -14.93
C ALA A 239 6.51 8.69 -16.18
N SER A 240 5.37 9.38 -16.11
CA SER A 240 4.47 9.45 -17.28
C SER A 240 5.10 10.23 -18.41
N ALA A 241 5.79 11.32 -18.06
CA ALA A 241 6.44 12.13 -19.09
C ALA A 241 7.56 11.36 -19.74
N ILE A 242 8.35 10.64 -18.94
CA ILE A 242 9.44 9.84 -19.48
C ILE A 242 8.89 8.70 -20.35
N ALA A 243 7.78 8.10 -19.93
CA ALA A 243 7.11 7.05 -20.75
C ALA A 243 6.76 7.61 -22.15
N VAL A 244 6.17 8.81 -22.18
CA VAL A 244 5.84 9.44 -23.46
C VAL A 244 7.10 9.71 -24.28
N LEU A 245 8.14 10.20 -23.62
CA LEU A 245 9.39 10.47 -24.29
C LEU A 245 9.93 9.19 -24.95
N HIS A 246 9.74 8.05 -24.27
CA HIS A 246 10.22 6.76 -24.75
C HIS A 246 9.24 5.96 -25.60
N GLY A 247 8.12 6.56 -25.97
CA GLY A 247 7.18 5.90 -26.89
C GLY A 247 5.75 5.63 -26.51
N ALA A 248 5.35 5.99 -25.30
CA ALA A 248 3.97 5.71 -24.90
C ALA A 248 3.00 6.52 -25.72
N ASP A 249 1.97 5.85 -26.22
CA ASP A 249 0.90 6.45 -27.00
C ASP A 249 -0.33 6.78 -26.13
N TYR A 250 -0.46 6.06 -25.01
CA TYR A 250 -1.54 6.26 -24.05
C TYR A 250 -0.96 6.29 -22.64
N ILE A 251 -1.44 7.21 -21.82
CA ILE A 251 -1.09 7.28 -20.40
C ILE A 251 -2.38 7.26 -19.61
N ARG A 252 -2.50 6.28 -18.72
CA ARG A 252 -3.66 6.09 -17.85
C ARG A 252 -3.34 6.73 -16.51
N THR A 253 -4.30 7.47 -15.96
CA THR A 253 -4.06 8.20 -14.72
C THR A 253 -5.33 8.65 -14.01
N HIS A 254 -5.18 8.90 -12.71
CA HIS A 254 -6.24 9.45 -11.87
C HIS A 254 -6.11 10.99 -11.85
N ASP A 255 -4.95 11.51 -12.26
CA ASP A 255 -4.63 12.96 -12.18
C ASP A 255 -4.49 13.52 -13.58
N VAL A 256 -5.63 13.56 -14.26
CA VAL A 256 -5.62 13.98 -15.66
C VAL A 256 -4.99 15.33 -15.96
N LEU A 257 -5.38 16.36 -15.23
CA LEU A 257 -4.91 17.71 -15.49
C LEU A 257 -3.37 17.80 -15.44
N GLU A 258 -2.81 17.33 -14.32
CA GLU A 258 -1.37 17.42 -14.13
C GLU A 258 -0.53 16.52 -15.02
N VAL A 259 -0.98 15.29 -15.21
CA VAL A 259 -0.29 14.33 -16.03
C VAL A 259 -0.39 14.74 -17.51
N ARG A 260 -1.55 15.25 -17.93
CA ARG A 260 -1.66 15.75 -19.30
C ARG A 260 -0.63 16.88 -19.54
N ARG A 261 -0.54 17.80 -18.59
CA ARG A 261 0.38 18.93 -18.72
C ARG A 261 1.83 18.50 -18.73
N GLY A 262 2.19 17.53 -17.87
CA GLY A 262 3.55 17.04 -17.84
C GLY A 262 3.88 16.31 -19.14
N CYS A 263 2.92 15.52 -19.63
CA CYS A 263 3.16 14.80 -20.87
C CYS A 263 3.27 15.71 -22.09
N GLU A 264 2.61 16.87 -22.06
CA GLU A 264 2.70 17.85 -23.16
C GLU A 264 4.16 18.29 -23.30
N ILE A 265 4.84 18.44 -22.18
CA ILE A 265 6.24 18.84 -22.18
C ILE A 265 7.10 17.76 -22.84
N ALA A 266 6.83 16.49 -22.56
CA ALA A 266 7.58 15.40 -23.16
C ALA A 266 7.36 15.40 -24.68
N THR A 267 6.10 15.58 -25.11
CA THR A 267 5.80 15.64 -26.54
C THR A 267 6.55 16.80 -27.22
N ALA A 268 6.57 17.96 -26.55
CA ALA A 268 7.27 19.14 -27.10
C ALA A 268 8.78 18.90 -27.22
N ILE A 269 9.35 18.16 -26.28
CA ILE A 269 10.78 17.82 -26.32
C ILE A 269 11.04 16.88 -27.52
N ASN A 270 10.10 15.97 -27.78
CA ASN A 270 10.20 15.06 -28.93
C ASN A 270 9.84 15.72 -30.24
N GLN A 271 9.31 16.94 -30.20
CA GLN A 271 8.94 17.64 -31.42
C GLN A 271 10.16 18.25 -32.11
N PRO A 272 10.52 17.76 -33.31
CA PRO A 272 11.66 18.36 -34.02
C PRO A 272 11.29 19.74 -34.53
N PRO A 273 12.29 20.62 -34.75
CA PRO A 273 11.93 21.95 -35.23
C PRO A 273 11.12 21.89 -36.51
N GLU A 274 10.15 22.78 -36.63
CA GLU A 274 9.30 22.85 -37.83
C GLU A 274 10.14 23.28 -39.06
N ARG A 275 11.47 23.36 -38.84
CA ARG A 275 12.53 23.67 -39.84
C ARG A 275 12.96 25.13 -39.80
N ASN B 2 -10.80 -2.68 41.47
CA ASN B 2 -11.92 -3.00 40.53
C ASN B 2 -11.88 -2.19 39.22
N ALA B 3 -11.36 -0.96 39.28
CA ALA B 3 -11.29 -0.07 38.10
C ALA B 3 -10.17 -0.46 37.13
N MET B 4 -10.55 -0.81 35.90
N MET B 4 -10.52 -0.91 35.91
CA MET B 4 -9.59 -1.20 34.87
CA MET B 4 -9.46 -1.26 34.94
C MET B 4 -8.82 -0.01 34.33
C MET B 4 -8.80 -0.03 34.36
N ALA B 5 -7.49 -0.14 34.27
CA ALA B 5 -6.64 0.91 33.76
C ALA B 5 -6.85 1.10 32.28
N LYS B 6 -6.64 2.34 31.85
CA LYS B 6 -6.75 2.68 30.46
C LYS B 6 -5.52 2.15 29.76
N VAL B 7 -5.60 2.10 28.46
CA VAL B 7 -4.48 1.66 27.66
C VAL B 7 -3.43 2.77 27.67
N LYS B 8 -2.17 2.39 27.47
CA LYS B 8 -1.09 3.36 27.28
C LYS B 8 -0.97 3.65 25.78
N ILE B 9 -1.05 4.92 25.43
CA ILE B 9 -0.94 5.33 24.05
C ILE B 9 0.52 5.66 23.72
N VAL B 10 1.01 5.04 22.66
CA VAL B 10 2.39 5.20 22.22
C VAL B 10 2.35 6.04 20.96
N GLY B 11 2.85 7.28 21.05
CA GLY B 11 2.85 8.19 19.92
C GLY B 11 4.05 7.96 19.04
N ILE B 12 3.81 7.82 17.74
CA ILE B 12 4.89 7.59 16.79
C ILE B 12 5.61 8.87 16.42
N LEU B 13 6.95 8.86 16.59
CA LEU B 13 7.83 9.97 16.19
C LEU B 13 8.92 9.38 15.30
N ASN B 14 8.66 9.37 13.99
CA ASN B 14 9.64 8.87 13.03
C ASN B 14 10.64 9.96 12.69
N VAL B 15 11.92 9.61 12.74
CA VAL B 15 13.00 10.51 12.41
C VAL B 15 13.74 9.88 11.23
N THR B 16 13.09 9.92 10.09
CA THR B 16 13.62 9.38 8.85
C THR B 16 13.48 10.53 7.87
N PRO B 17 14.56 10.91 7.17
CA PRO B 17 14.49 11.99 6.18
C PRO B 17 14.09 11.46 4.80
N GLY B 24 19.16 20.07 7.10
CA GLY B 24 19.48 18.65 7.04
C GLY B 24 19.24 17.96 8.37
N ARG B 25 20.29 17.80 9.16
CA ARG B 25 20.19 17.15 10.47
C ARG B 25 19.53 18.04 11.53
N PHE B 26 20.13 19.21 11.77
CA PHE B 26 19.63 20.17 12.78
C PHE B 26 18.21 20.70 12.55
N VAL B 27 17.77 20.77 11.29
CA VAL B 27 16.41 21.24 10.94
C VAL B 27 15.35 20.22 11.43
N GLU B 28 15.80 19.03 11.80
CA GLU B 28 14.91 17.99 12.30
C GLU B 28 14.57 18.14 13.80
N THR B 29 15.57 18.46 14.65
CA THR B 29 15.35 18.47 16.12
C THR B 29 14.31 19.43 16.69
N ASP B 30 14.32 20.72 16.36
CA ASP B 30 13.29 21.61 16.89
C ASP B 30 11.89 21.14 16.44
N LYS B 31 11.78 20.70 15.17
CA LYS B 31 10.52 20.18 14.64
C LYS B 31 10.12 18.89 15.35
N ALA B 32 11.10 18.05 15.67
CA ALA B 32 10.84 16.80 16.37
C ALA B 32 10.29 17.10 17.77
N VAL B 33 10.87 18.12 18.43
CA VAL B 33 10.40 18.50 19.77
C VAL B 33 8.98 19.07 19.70
N VAL B 34 8.70 19.84 18.64
CA VAL B 34 7.38 20.40 18.44
C VAL B 34 6.35 19.25 18.30
N ARG B 35 6.68 18.23 17.50
CA ARG B 35 5.78 17.07 17.31
C ARG B 35 5.63 16.27 18.59
N ALA B 36 6.74 16.08 19.29
CA ALA B 36 6.71 15.36 20.55
C ALA B 36 5.77 16.06 21.55
N ARG B 37 5.88 17.39 21.62
N ARG B 37 5.87 17.39 21.65
CA ARG B 37 5.04 18.19 22.51
CA ARG B 37 5.00 18.15 22.55
C ARG B 37 3.56 18.01 22.15
C ARG B 37 3.53 17.96 22.16
N GLU B 38 3.27 17.95 20.85
CA GLU B 38 1.90 17.77 20.35
C GLU B 38 1.36 16.39 20.70
N LEU B 39 2.21 15.36 20.57
CA LEU B 39 1.82 13.99 20.93
C LEU B 39 1.46 13.95 22.42
N LEU B 40 2.30 14.54 23.27
CA LEU B 40 2.00 14.62 24.70
C LEU B 40 0.71 15.41 24.97
N SER B 41 0.54 16.53 24.26
CA SER B 41 -0.64 17.39 24.42
C SER B 41 -1.92 16.62 24.10
N GLN B 42 -1.83 15.74 23.11
CA GLN B 42 -2.98 14.90 22.71
C GLN B 42 -3.23 13.72 23.66
N GLY B 43 -2.29 13.47 24.58
CA GLY B 43 -2.45 12.41 25.57
C GLY B 43 -1.59 11.16 25.41
N ALA B 44 -0.49 11.25 24.65
CA ALA B 44 0.40 10.10 24.53
C ALA B 44 1.12 9.89 25.87
N ASP B 45 1.29 8.62 26.22
CA ASP B 45 1.98 8.23 27.44
C ASP B 45 3.45 7.96 27.18
N ILE B 46 3.76 7.57 25.95
CA ILE B 46 5.13 7.23 25.54
C ILE B 46 5.34 7.79 24.15
N ILE B 47 6.55 8.32 23.91
CA ILE B 47 6.93 8.83 22.60
C ILE B 47 7.91 7.79 22.02
N GLU B 48 7.53 7.11 20.95
N GLU B 48 7.52 7.13 20.95
CA GLU B 48 8.39 6.06 20.32
CA GLU B 48 8.39 6.16 20.33
C GLU B 48 9.17 6.62 19.11
C GLU B 48 9.14 6.80 19.17
N ILE B 49 10.46 6.84 19.31
CA ILE B 49 11.36 7.41 18.32
C ILE B 49 11.94 6.31 17.46
N GLY B 50 11.83 6.45 16.15
CA GLY B 50 12.37 5.45 15.24
C GLY B 50 13.12 6.10 14.11
N GLY B 51 14.38 5.71 13.95
CA GLY B 51 15.23 6.25 12.92
C GLY B 51 15.42 5.37 11.70
N GLU B 52 14.71 4.24 11.65
CA GLU B 52 14.85 3.31 10.52
C GLU B 52 13.53 2.69 10.14
N SER B 53 13.08 2.95 8.92
CA SER B 53 11.85 2.36 8.42
C SER B 53 12.04 0.87 8.23
N THR B 54 11.02 0.08 8.58
CA THR B 54 11.08 -1.39 8.38
C THR B 54 9.86 -1.93 7.61
N GLY B 55 9.05 -1.04 7.05
CA GLY B 55 7.90 -1.48 6.25
C GLY B 55 8.34 -1.94 4.86
N PRO B 56 7.41 -2.45 4.06
CA PRO B 56 7.77 -2.96 2.73
C PRO B 56 8.45 -1.91 1.86
N GLY B 57 9.51 -2.33 1.18
CA GLY B 57 10.30 -1.48 0.32
C GLY B 57 11.45 -0.81 1.04
N SER B 58 11.51 -0.95 2.37
CA SER B 58 12.58 -0.32 3.15
C SER B 58 13.87 -1.08 3.00
N ASN B 59 14.95 -0.36 3.22
CA ASN B 59 16.31 -0.91 3.15
C ASN B 59 17.07 -0.56 4.43
N THR B 60 18.09 -1.36 4.69
CA THR B 60 18.92 -1.23 5.87
C THR B 60 19.70 0.09 5.92
N ILE B 61 19.79 0.68 7.11
CA ILE B 61 20.65 1.85 7.29
C ILE B 61 21.65 1.39 8.33
N THR B 62 22.82 2.01 8.32
CA THR B 62 23.86 1.65 9.28
C THR B 62 23.52 2.15 10.66
N ALA B 63 24.16 1.55 11.66
CA ALA B 63 23.99 1.96 13.06
C ALA B 63 24.42 3.41 13.22
N ASP B 64 25.48 3.82 12.52
CA ASP B 64 25.94 5.21 12.61
C ASP B 64 24.90 6.20 12.09
N GLU B 65 24.25 5.84 10.98
CA GLU B 65 23.23 6.69 10.39
C GLU B 65 22.00 6.73 11.30
N GLU B 66 21.67 5.59 11.88
CA GLU B 66 20.50 5.48 12.77
C GLU B 66 20.74 6.36 14.02
N LEU B 67 21.93 6.25 14.60
CA LEU B 67 22.30 7.06 15.76
C LEU B 67 22.31 8.54 15.41
N ALA B 68 22.84 8.89 14.23
CA ALA B 68 22.89 10.30 13.80
C ALA B 68 21.48 10.89 13.72
N ARG B 69 20.51 10.05 13.37
CA ARG B 69 19.13 10.50 13.29
C ARG B 69 18.46 10.64 14.66
N ILE B 70 18.55 9.61 15.48
CA ILE B 70 17.83 9.61 16.74
C ILE B 70 18.48 10.27 17.94
N VAL B 71 19.80 10.22 18.05
CA VAL B 71 20.45 10.78 19.24
C VAL B 71 20.17 12.27 19.48
N PRO B 72 20.28 13.12 18.45
CA PRO B 72 19.99 14.54 18.68
C PRO B 72 18.53 14.78 19.13
N VAL B 73 17.61 13.97 18.61
CA VAL B 73 16.19 14.06 18.97
C VAL B 73 15.97 13.60 20.42
N ILE B 74 16.58 12.47 20.81
CA ILE B 74 16.47 12.00 22.20
C ILE B 74 16.99 13.09 23.14
N ARG B 75 18.17 13.63 22.85
CA ARG B 75 18.74 14.68 23.69
C ARG B 75 17.86 15.90 23.78
N ALA B 76 17.29 16.31 22.65
CA ALA B 76 16.42 17.48 22.62
C ALA B 76 15.14 17.28 23.43
N ILE B 77 14.54 16.11 23.31
CA ILE B 77 13.33 15.78 24.05
C ILE B 77 13.63 15.66 25.56
N ARG B 78 14.73 15.00 25.92
CA ARG B 78 15.08 14.87 27.35
C ARG B 78 15.26 16.25 27.97
N SER B 79 15.83 17.19 27.20
CA SER B 79 16.05 18.54 27.67
C SER B 79 14.81 19.42 27.76
N SER B 80 14.04 19.44 26.68
CA SER B 80 12.84 20.29 26.60
C SER B 80 11.57 19.71 27.20
N LEU B 81 11.47 18.38 27.19
CA LEU B 81 10.29 17.67 27.67
C LEU B 81 10.75 16.58 28.64
N PRO B 82 11.30 16.99 29.80
CA PRO B 82 11.88 16.03 30.77
C PRO B 82 10.94 14.97 31.35
N ASP B 83 9.65 15.24 31.33
N ASP B 83 9.65 15.23 31.35
CA ASP B 83 8.64 14.31 31.85
CA ASP B 83 8.69 14.24 31.85
C ASP B 83 8.20 13.24 30.84
C ASP B 83 8.51 13.10 30.89
N ALA B 84 8.62 13.40 29.58
CA ALA B 84 8.31 12.43 28.53
C ALA B 84 9.01 11.07 28.61
N ASN B 85 8.21 10.01 28.57
N ASN B 85 8.21 10.01 28.53
CA ASN B 85 8.73 8.65 28.55
CA ASN B 85 8.71 8.65 28.57
C ASN B 85 9.09 8.37 27.11
C ASN B 85 9.05 8.27 27.12
N ILE B 86 10.30 7.88 26.88
CA ILE B 86 10.78 7.57 25.54
C ILE B 86 11.01 6.09 25.26
N ALA B 87 10.53 5.65 24.09
CA ALA B 87 10.76 4.30 23.61
C ALA B 87 11.55 4.50 22.32
N VAL B 88 12.40 3.52 21.98
CA VAL B 88 13.13 3.54 20.72
C VAL B 88 12.84 2.28 19.93
N ASP B 89 12.42 2.49 18.68
CA ASP B 89 12.12 1.42 17.71
C ASP B 89 13.44 1.13 16.98
N THR B 90 14.12 0.07 17.41
CA THR B 90 15.37 -0.36 16.80
C THR B 90 15.60 -1.85 16.98
N TYR B 91 16.31 -2.44 16.01
CA TYR B 91 16.71 -3.86 16.09
C TYR B 91 18.21 -3.98 16.35
N LYS B 92 18.92 -2.85 16.44
CA LYS B 92 20.39 -2.87 16.64
C LYS B 92 20.78 -2.67 18.10
N ALA B 93 21.64 -3.56 18.58
CA ALA B 93 22.10 -3.52 19.96
C ALA B 93 22.81 -2.23 20.33
N GLU B 94 23.66 -1.75 19.44
CA GLU B 94 24.45 -0.52 19.66
C GLU B 94 23.52 0.71 19.82
N VAL B 95 22.47 0.75 19.01
CA VAL B 95 21.48 1.83 19.03
C VAL B 95 20.68 1.74 20.32
N ALA B 96 20.19 0.54 20.65
CA ALA B 96 19.45 0.33 21.90
C ALA B 96 20.31 0.75 23.11
N ARG B 97 21.59 0.37 23.09
N ARG B 97 21.59 0.37 23.11
CA ARG B 97 22.52 0.67 24.18
CA ARG B 97 22.47 0.68 24.23
C ARG B 97 22.60 2.17 24.45
C ARG B 97 22.57 2.19 24.46
N LYS B 98 22.82 2.94 23.38
CA LYS B 98 22.92 4.40 23.48
C LYS B 98 21.59 5.01 23.95
N ALA B 99 20.48 4.55 23.37
CA ALA B 99 19.16 5.06 23.75
C ALA B 99 18.88 4.84 25.23
N LEU B 100 19.24 3.66 25.75
CA LEU B 100 19.01 3.34 27.15
C LEU B 100 19.88 4.22 28.06
N GLU B 101 21.13 4.44 27.66
CA GLU B 101 22.04 5.33 28.43
C GLU B 101 21.45 6.74 28.52
N LEU B 102 20.80 7.18 27.45
CA LEU B 102 20.22 8.52 27.39
C LEU B 102 18.84 8.64 28.04
N GLY B 103 18.28 7.54 28.52
CA GLY B 103 16.99 7.64 29.20
C GLY B 103 15.80 6.93 28.64
N ALA B 104 15.95 6.28 27.48
CA ALA B 104 14.80 5.53 26.95
C ALA B 104 14.46 4.39 27.91
N THR B 105 13.19 4.06 28.04
CA THR B 105 12.77 3.00 28.97
C THR B 105 12.09 1.82 28.29
N MET B 106 12.09 1.83 26.97
CA MET B 106 11.47 0.77 26.20
C MET B 106 12.17 0.67 24.84
N ILE B 107 12.42 -0.57 24.43
CA ILE B 107 13.03 -0.86 23.14
C ILE B 107 12.05 -1.73 22.38
N ASN B 108 11.63 -1.28 21.20
N ASN B 108 11.62 -1.29 21.20
CA ASN B 108 10.74 -2.05 20.35
CA ASN B 108 10.67 -2.02 20.34
C ASN B 108 11.57 -2.65 19.24
C ASN B 108 11.45 -2.66 19.19
N ASP B 109 11.65 -3.98 19.23
CA ASP B 109 12.43 -4.73 18.23
C ASP B 109 11.53 -5.50 17.29
N VAL B 110 11.44 -4.99 16.06
CA VAL B 110 10.64 -5.57 15.00
C VAL B 110 11.08 -7.01 14.67
N SER B 111 12.33 -7.36 15.04
CA SER B 111 12.87 -8.70 14.78
C SER B 111 12.75 -9.64 15.98
N ALA B 112 12.22 -9.13 17.08
CA ALA B 112 12.07 -9.93 18.31
C ALA B 112 13.40 -10.55 18.78
N GLY B 113 14.47 -9.76 18.70
CA GLY B 113 15.79 -10.17 19.13
C GLY B 113 16.57 -11.07 18.17
N ARG B 114 16.04 -11.29 16.97
CA ARG B 114 16.69 -12.13 15.98
C ARG B 114 17.75 -11.43 15.12
N ALA B 115 17.55 -10.16 14.80
CA ALA B 115 18.45 -9.47 13.90
C ALA B 115 19.83 -9.22 14.45
N ASP B 116 19.91 -8.90 15.73
CA ASP B 116 21.20 -8.59 16.33
C ASP B 116 21.34 -9.46 17.57
N PRO B 117 22.23 -10.48 17.52
CA PRO B 117 22.41 -11.39 18.67
C PRO B 117 22.75 -10.72 20.00
N LYS B 118 23.21 -9.48 19.98
CA LYS B 118 23.61 -8.78 21.21
C LYS B 118 22.49 -7.92 21.79
N LEU B 119 21.38 -7.76 21.09
CA LEU B 119 20.33 -6.86 21.59
C LEU B 119 19.70 -7.30 22.90
N PHE B 120 19.37 -8.58 23.03
CA PHE B 120 18.77 -9.05 24.28
C PHE B 120 19.65 -8.75 25.48
N GLY B 121 20.96 -8.99 25.35
CA GLY B 121 21.90 -8.74 26.44
C GLY B 121 21.92 -7.28 26.87
N VAL B 122 21.85 -6.38 25.89
CA VAL B 122 21.84 -4.94 26.15
C VAL B 122 20.61 -4.58 26.98
N VAL B 123 19.45 -5.09 26.59
CA VAL B 123 18.22 -4.83 27.34
C VAL B 123 18.26 -5.54 28.70
N ALA B 124 18.83 -6.74 28.74
CA ALA B 124 18.92 -7.45 30.02
C ALA B 124 19.66 -6.60 31.04
N ARG B 125 20.70 -5.91 30.57
CA ARG B 125 21.51 -5.04 31.41
C ARG B 125 20.94 -3.62 31.44
N SER B 126 19.65 -3.51 31.74
CA SER B 126 18.99 -2.21 31.85
C SER B 126 17.70 -2.46 32.62
N ASN B 127 16.92 -1.43 32.89
N ASN B 127 16.95 -1.39 32.86
CA ASN B 127 15.63 -1.65 33.57
CA ASN B 127 15.69 -1.49 33.56
C ASN B 127 14.50 -1.43 32.56
C ASN B 127 14.55 -1.22 32.57
N ALA B 128 14.85 -1.40 31.29
CA ALA B 128 13.89 -1.15 30.24
C ALA B 128 13.07 -2.37 29.84
N GLN B 129 11.91 -2.09 29.27
CA GLN B 129 11.04 -3.12 28.76
C GLN B 129 11.40 -3.34 27.29
N ILE B 130 11.17 -4.54 26.81
CA ILE B 130 11.40 -4.85 25.40
C ILE B 130 10.08 -5.29 24.79
N VAL B 131 9.83 -4.85 23.57
CA VAL B 131 8.62 -5.25 22.82
C VAL B 131 9.12 -6.19 21.73
N LEU B 132 8.64 -7.43 21.79
CA LEU B 132 8.98 -8.47 20.83
C LEU B 132 7.82 -8.59 19.87
N MET B 133 8.06 -8.26 18.61
N MET B 133 8.05 -8.21 18.61
CA MET B 133 7.00 -8.34 17.63
CA MET B 133 7.03 -8.26 17.55
C MET B 133 7.18 -9.58 16.76
C MET B 133 7.18 -9.49 16.65
N TYR B 134 6.07 -10.13 16.30
CA TYR B 134 6.08 -11.21 15.34
C TYR B 134 6.23 -10.58 13.94
N SER B 135 7.11 -11.16 13.12
CA SER B 135 7.23 -10.78 11.71
C SER B 135 7.35 -12.11 10.96
N LYS B 136 6.73 -12.18 9.79
CA LYS B 136 6.80 -13.36 8.94
C LYS B 136 8.18 -13.53 8.28
N ASP B 137 8.99 -12.47 8.33
CA ASP B 137 10.32 -12.46 7.71
C ASP B 137 11.43 -12.50 8.72
N THR B 138 12.57 -13.08 8.35
CA THR B 138 13.74 -13.08 9.25
C THR B 138 14.40 -11.71 9.18
N ASP B 139 14.43 -11.10 7.99
CA ASP B 139 15.03 -9.78 7.88
C ASP B 139 14.06 -8.76 8.52
N PRO B 140 14.60 -7.79 9.27
CA PRO B 140 13.71 -6.82 9.93
C PRO B 140 12.87 -5.97 8.96
N HIS B 141 13.37 -5.77 7.74
CA HIS B 141 12.66 -4.98 6.72
C HIS B 141 11.69 -5.95 6.09
N THR B 142 10.43 -5.76 6.36
CA THR B 142 9.40 -6.72 5.93
C THR B 142 9.14 -6.68 4.44
N SER B 143 8.71 -7.80 3.92
CA SER B 143 8.47 -7.91 2.48
C SER B 143 7.01 -7.78 2.08
N PHE B 144 6.80 -7.45 0.80
CA PHE B 144 5.46 -7.50 0.21
C PHE B 144 5.31 -9.01 -0.10
N ASP B 145 4.38 -9.69 0.56
CA ASP B 145 4.19 -11.13 0.36
C ASP B 145 2.85 -11.51 0.95
N GLU B 146 1.96 -12.07 0.14
CA GLU B 146 0.63 -12.52 0.61
C GLU B 146 0.75 -13.87 1.28
N ARG B 147 1.52 -13.89 2.35
CA ARG B 147 1.73 -15.10 3.11
C ARG B 147 0.41 -15.64 3.61
N GLN B 148 0.20 -16.92 3.40
CA GLN B 148 -1.00 -17.58 3.85
C GLN B 148 -0.64 -18.40 5.09
N TYR B 149 -1.65 -18.72 5.87
CA TYR B 149 -1.50 -19.52 7.08
C TYR B 149 -2.66 -20.48 7.28
N VAL B 150 -2.36 -21.68 7.78
CA VAL B 150 -3.41 -22.65 8.16
C VAL B 150 -4.08 -22.14 9.46
N ASP B 151 -3.31 -21.53 10.34
CA ASP B 151 -3.82 -21.01 11.61
C ASP B 151 -2.82 -19.95 12.11
N VAL B 152 -3.05 -18.71 11.67
CA VAL B 152 -2.12 -17.62 12.00
C VAL B 152 -2.01 -17.40 13.50
N VAL B 153 -3.08 -17.62 14.24
CA VAL B 153 -3.03 -17.42 15.70
C VAL B 153 -2.06 -18.40 16.36
N ARG B 154 -2.12 -19.66 15.96
CA ARG B 154 -1.21 -20.68 16.50
C ARG B 154 0.24 -20.35 16.13
N THR B 155 0.47 -19.99 14.86
CA THR B 155 1.81 -19.67 14.38
C THR B 155 2.43 -18.52 15.16
N VAL B 156 1.65 -17.46 15.34
CA VAL B 156 2.13 -16.25 16.03
C VAL B 156 2.30 -16.51 17.51
N TYR B 157 1.34 -17.21 18.11
CA TYR B 157 1.44 -17.56 19.53
C TYR B 157 2.70 -18.38 19.80
N ASP B 158 2.94 -19.41 19.00
CA ASP B 158 4.12 -20.26 19.23
C ASP B 158 5.42 -19.47 19.02
N PHE B 159 5.43 -18.58 18.02
CA PHE B 159 6.59 -17.73 17.75
C PHE B 159 6.87 -16.83 18.96
N LEU B 160 5.83 -16.16 19.47
CA LEU B 160 6.01 -15.27 20.62
C LEU B 160 6.42 -16.04 21.88
N ALA B 161 5.89 -17.24 22.06
CA ALA B 161 6.29 -18.08 23.19
C ALA B 161 7.78 -18.38 23.12
N GLU B 162 8.26 -18.77 21.93
N GLU B 162 8.31 -18.61 21.90
CA GLU B 162 9.67 -19.17 21.74
CA GLU B 162 9.74 -18.89 21.75
C GLU B 162 10.59 -17.98 21.96
C GLU B 162 10.57 -17.61 21.89
N ARG B 163 10.16 -16.80 21.49
N ARG B 163 10.10 -16.46 21.39
CA ARG B 163 10.95 -15.55 21.64
CA ARG B 163 10.90 -15.26 21.55
C ARG B 163 11.01 -15.10 23.10
C ARG B 163 10.94 -14.86 23.05
N LYS B 164 9.86 -15.16 23.78
CA LYS B 164 9.81 -14.84 25.23
C LYS B 164 10.80 -15.75 25.95
N LYS B 165 10.79 -17.03 25.58
CA LYS B 165 11.72 -18.00 26.18
C LYS B 165 13.19 -17.57 25.95
N ALA B 166 13.49 -17.13 24.73
CA ALA B 166 14.85 -16.70 24.39
C ALA B 166 15.23 -15.43 25.15
N ALA B 167 14.30 -14.49 25.26
CA ALA B 167 14.52 -13.23 25.99
C ALA B 167 14.82 -13.54 27.44
N MET B 168 14.04 -14.42 28.04
N MET B 168 14.02 -14.41 28.05
CA MET B 168 14.26 -14.80 29.43
CA MET B 168 14.25 -14.80 29.45
C MET B 168 15.59 -15.54 29.61
C MET B 168 15.57 -15.56 29.62
N SER B 169 15.96 -16.35 28.62
CA SER B 169 17.24 -17.10 28.69
C SER B 169 18.42 -16.13 28.68
N ALA B 170 18.24 -15.01 27.98
CA ALA B 170 19.25 -13.94 27.89
C ALA B 170 19.33 -13.04 29.13
N GLY B 171 18.40 -13.21 30.06
CA GLY B 171 18.36 -12.44 31.29
C GLY B 171 17.30 -11.36 31.42
N ILE B 172 16.33 -11.30 30.51
CA ILE B 172 15.27 -10.31 30.61
C ILE B 172 14.09 -10.98 31.33
N PRO B 173 13.65 -10.42 32.46
CA PRO B 173 12.52 -11.06 33.15
C PRO B 173 11.19 -10.86 32.46
N ALA B 174 10.27 -11.80 32.68
CA ALA B 174 8.94 -11.76 32.07
C ALA B 174 8.21 -10.42 32.27
N ASP B 175 8.38 -9.82 33.46
CA ASP B 175 7.71 -8.54 33.76
C ASP B 175 8.22 -7.36 32.94
N ARG B 176 9.32 -7.54 32.20
CA ARG B 176 9.87 -6.52 31.31
C ARG B 176 9.74 -6.93 29.82
N ILE B 177 8.97 -7.99 29.54
CA ILE B 177 8.74 -8.46 28.17
C ILE B 177 7.31 -8.11 27.75
N ILE B 178 7.20 -7.42 26.62
CA ILE B 178 5.91 -7.02 26.04
C ILE B 178 5.83 -7.71 24.67
N LEU B 179 4.64 -8.21 24.31
CA LEU B 179 4.48 -8.94 23.06
C LEU B 179 3.56 -8.22 22.09
N ASP B 180 3.95 -8.22 20.82
CA ASP B 180 3.16 -7.59 19.72
C ASP B 180 2.95 -8.70 18.69
N THR B 181 1.70 -8.97 18.33
CA THR B 181 1.42 -10.03 17.36
C THR B 181 1.85 -9.63 15.96
N GLY B 182 2.13 -8.34 15.79
CA GLY B 182 2.35 -7.79 14.48
C GLY B 182 0.96 -7.56 13.84
N LEU B 183 0.90 -6.63 12.89
CA LEU B 183 -0.29 -6.36 12.10
C LEU B 183 0.18 -5.93 10.72
N GLY B 184 -0.71 -5.98 9.75
CA GLY B 184 -0.37 -5.56 8.40
C GLY B 184 0.67 -6.45 7.75
N HIS B 185 1.53 -5.84 6.95
CA HIS B 185 2.52 -6.60 6.17
C HIS B 185 3.42 -7.52 6.98
N PHE B 186 3.71 -7.12 8.23
CA PHE B 186 4.55 -7.95 9.09
C PHE B 186 3.93 -9.35 9.28
N VAL B 187 2.61 -9.43 9.27
CA VAL B 187 1.92 -10.70 9.37
C VAL B 187 1.71 -11.29 7.97
N SER B 188 1.19 -10.47 7.09
CA SER B 188 0.92 -10.85 5.72
C SER B 188 0.38 -9.67 4.93
N SER B 189 0.71 -9.62 3.65
CA SER B 189 0.15 -8.59 2.77
C SER B 189 -1.34 -8.95 2.49
N ASP B 190 -1.78 -10.14 2.90
CA ASP B 190 -3.19 -10.54 2.82
C ASP B 190 -3.81 -10.04 4.14
N PRO B 191 -4.74 -9.07 4.08
CA PRO B 191 -5.30 -8.48 5.32
C PRO B 191 -6.05 -9.41 6.28
N GLN B 192 -6.60 -10.52 5.78
CA GLN B 192 -7.42 -11.39 6.65
C GLN B 192 -6.73 -11.82 7.94
N TYR B 193 -5.42 -12.04 7.87
CA TYR B 193 -4.69 -12.54 9.03
C TYR B 193 -4.56 -11.52 10.16
N SER B 194 -4.51 -10.24 9.80
CA SER B 194 -4.46 -9.17 10.79
C SER B 194 -5.80 -9.14 11.56
N PHE B 195 -6.90 -9.28 10.81
CA PHE B 195 -8.21 -9.29 11.45
C PHE B 195 -8.38 -10.50 12.38
N GLN B 196 -7.85 -11.66 11.97
CA GLN B 196 -7.92 -12.89 12.77
C GLN B 196 -7.14 -12.73 14.07
N LEU B 197 -5.99 -12.07 14.01
CA LEU B 197 -5.20 -11.84 15.23
C LEU B 197 -5.95 -10.91 16.19
N LEU B 198 -6.61 -9.88 15.66
CA LEU B 198 -7.39 -8.98 16.50
C LEU B 198 -8.58 -9.74 17.12
N ALA B 199 -9.18 -10.64 16.35
CA ALA B 199 -10.34 -11.42 16.87
C ALA B 199 -9.97 -12.29 18.05
N HIS B 200 -8.78 -12.87 17.99
CA HIS B 200 -8.32 -13.79 19.01
C HIS B 200 -7.22 -13.26 19.89
N LEU B 201 -7.09 -11.94 19.97
CA LEU B 201 -6.02 -11.35 20.77
C LEU B 201 -6.02 -11.82 22.22
N SER B 202 -7.21 -12.07 22.80
N SER B 202 -7.21 -12.06 22.79
CA SER B 202 -7.28 -12.51 24.21
CA SER B 202 -7.28 -12.50 24.20
C SER B 202 -6.51 -13.80 24.46
C SER B 202 -6.56 -13.83 24.47
N ASP B 203 -6.39 -14.64 23.42
CA ASP B 203 -5.68 -15.92 23.53
C ASP B 203 -4.20 -15.70 23.93
N PHE B 204 -3.63 -14.57 23.53
CA PHE B 204 -2.24 -14.23 23.82
C PHE B 204 -2.01 -13.86 25.28
N GLN B 205 -3.08 -13.59 26.03
CA GLN B 205 -2.93 -13.25 27.45
C GLN B 205 -2.32 -14.40 28.27
N ASP B 206 -2.49 -15.63 27.77
CA ASP B 206 -1.94 -16.82 28.43
C ASP B 206 -0.41 -16.81 28.52
N LEU B 207 0.25 -16.02 27.68
CA LEU B 207 1.71 -15.92 27.72
C LEU B 207 2.24 -15.10 28.89
N GLY B 208 1.34 -14.43 29.61
CA GLY B 208 1.69 -13.70 30.83
C GLY B 208 2.45 -12.40 30.68
N CYS B 209 2.32 -11.79 29.51
CA CYS B 209 2.98 -10.54 29.19
C CYS B 209 2.02 -9.49 28.71
N LYS B 210 2.35 -8.22 28.95
N LYS B 210 2.37 -8.22 28.94
CA LYS B 210 1.52 -7.14 28.43
CA LYS B 210 1.56 -7.12 28.42
C LYS B 210 1.56 -7.21 26.90
C LYS B 210 1.57 -7.21 26.90
N LEU B 211 0.50 -6.74 26.26
CA LEU B 211 0.32 -6.78 24.80
C LEU B 211 0.35 -5.38 24.20
N PHE B 212 1.01 -5.27 23.06
CA PHE B 212 1.23 -4.00 22.34
C PHE B 212 0.84 -4.21 20.90
N LEU B 213 -0.04 -3.38 20.37
N LEU B 213 -0.03 -3.35 20.39
CA LEU B 213 -0.43 -3.49 18.95
CA LEU B 213 -0.50 -3.44 19.00
C LEU B 213 -0.47 -2.13 18.29
C LEU B 213 -0.44 -2.10 18.29
N SER B 214 -0.30 -2.14 16.97
CA SER B 214 -0.24 -0.91 16.15
C SER B 214 -1.07 -0.99 14.87
N PRO B 215 -2.40 -0.81 14.97
CA PRO B 215 -3.19 -0.82 13.72
C PRO B 215 -2.74 0.35 12.82
N SER B 216 -2.57 1.50 13.45
CA SER B 216 -2.01 2.73 12.87
C SER B 216 -2.03 2.95 11.36
N ARG B 217 -3.24 3.03 10.80
CA ARG B 217 -3.45 3.30 9.37
C ARG B 217 -2.73 2.37 8.40
N LYS B 218 -2.45 1.14 8.85
CA LYS B 218 -1.82 0.13 7.98
C LYS B 218 -2.77 -0.26 6.86
N SER B 219 -2.21 -0.72 5.76
CA SER B 219 -3.02 -1.08 4.58
C SER B 219 -4.00 -2.23 4.77
N PHE B 220 -3.88 -3.03 5.84
CA PHE B 220 -4.89 -4.08 6.09
C PHE B 220 -6.26 -3.45 6.36
N LEU B 221 -6.24 -2.16 6.67
CA LEU B 221 -7.45 -1.40 6.93
C LEU B 221 -8.03 -0.76 5.67
N ALA B 222 -7.47 -1.06 4.50
CA ALA B 222 -7.98 -0.44 3.24
C ALA B 222 -9.41 -0.84 2.92
N GLY B 223 -9.80 -2.06 3.29
CA GLY B 223 -11.19 -2.53 3.04
C GLY B 223 -11.59 -2.65 1.58
N ASN B 224 -12.89 -2.83 1.36
CA ASN B 224 -13.44 -2.98 0.00
C ASN B 224 -13.25 -1.74 -0.88
N GLU B 225 -13.22 -0.57 -0.25
CA GLU B 225 -13.02 0.69 -0.99
C GLU B 225 -11.55 0.99 -1.35
N LEU B 226 -10.63 0.14 -0.90
CA LEU B 226 -9.17 0.35 -1.16
C LEU B 226 -8.75 1.76 -0.67
N LEU B 227 -9.11 2.05 0.55
CA LEU B 227 -8.85 3.32 1.15
C LEU B 227 -7.38 3.59 1.34
N LYS B 228 -6.98 4.81 0.99
N LYS B 228 -6.97 4.82 0.99
CA LYS B 228 -5.59 5.23 1.16
CA LYS B 228 -5.59 5.26 1.15
C LYS B 228 -5.41 5.72 2.59
C LYS B 228 -5.42 5.74 2.58
N THR B 229 -4.16 5.96 2.98
CA THR B 229 -3.84 6.41 4.36
C THR B 229 -4.71 7.50 4.96
N ALA B 230 -4.96 8.54 4.18
CA ALA B 230 -5.76 9.68 4.67
C ALA B 230 -7.15 9.28 5.12
N ASP B 231 -7.68 8.21 4.57
CA ASP B 231 -9.05 7.75 4.86
C ASP B 231 -9.15 6.56 5.82
N ARG B 232 -8.04 6.16 6.42
CA ARG B 232 -8.04 5.00 7.33
C ARG B 232 -8.19 5.34 8.82
N LEU B 233 -8.53 6.59 9.16
CA LEU B 233 -8.67 6.91 10.59
C LEU B 233 -9.84 6.15 11.25
N PRO B 234 -11.04 6.15 10.63
CA PRO B 234 -12.12 5.38 11.27
C PRO B 234 -11.76 3.91 11.50
N GLY B 235 -11.12 3.30 10.51
CA GLY B 235 -10.71 1.89 10.65
C GLY B 235 -9.68 1.70 11.74
N THR B 236 -8.76 2.66 11.86
CA THR B 236 -7.72 2.63 12.89
C THR B 236 -8.34 2.75 14.27
N ILE B 237 -9.32 3.63 14.40
CA ILE B 237 -10.03 3.81 15.67
C ILE B 237 -10.76 2.52 16.06
N ALA B 238 -11.45 1.93 15.10
CA ALA B 238 -12.20 0.70 15.37
C ALA B 238 -11.28 -0.45 15.72
N ALA B 239 -10.21 -0.63 14.95
CA ALA B 239 -9.29 -1.72 15.20
C ALA B 239 -8.55 -1.54 16.54
N SER B 240 -8.17 -0.30 16.86
CA SER B 240 -7.46 -0.02 18.10
C SER B 240 -8.36 -0.24 19.31
N ALA B 241 -9.62 0.15 19.17
CA ALA B 241 -10.58 -0.03 20.27
C ALA B 241 -10.84 -1.49 20.50
N ILE B 242 -11.06 -2.26 19.42
CA ILE B 242 -11.30 -3.71 19.57
C ILE B 242 -10.05 -4.39 20.15
N ALA B 243 -8.85 -3.92 19.77
CA ALA B 243 -7.60 -4.48 20.33
C ALA B 243 -7.61 -4.31 21.85
N VAL B 244 -7.97 -3.12 22.31
CA VAL B 244 -8.05 -2.84 23.75
C VAL B 244 -9.12 -3.71 24.40
N LEU B 245 -10.28 -3.81 23.77
CA LEU B 245 -11.34 -4.65 24.29
C LEU B 245 -10.84 -6.10 24.53
N HIS B 246 -10.00 -6.55 23.61
CA HIS B 246 -9.47 -7.90 23.64
C HIS B 246 -8.14 -8.10 24.37
N GLY B 247 -7.66 -7.07 25.05
CA GLY B 247 -6.45 -7.24 25.87
C GLY B 247 -5.23 -6.40 25.64
N ALA B 248 -5.27 -5.52 24.64
CA ALA B 248 -4.09 -4.65 24.40
C ALA B 248 -3.85 -3.70 25.54
N ASP B 249 -2.60 -3.64 26.00
CA ASP B 249 -2.15 -2.76 27.07
C ASP B 249 -1.47 -1.49 26.54
N TYR B 250 -1.03 -1.56 25.28
CA TYR B 250 -0.40 -0.44 24.59
C TYR B 250 -0.95 -0.38 23.17
N ILE B 251 -1.26 0.81 22.72
CA ILE B 251 -1.66 1.06 21.34
C ILE B 251 -0.75 2.13 20.76
N ARG B 252 -0.07 1.78 19.66
CA ARG B 252 0.83 2.66 18.95
C ARG B 252 0.05 3.32 17.81
N THR B 253 0.22 4.63 17.65
CA THR B 253 -0.53 5.38 16.65
C THR B 253 0.08 6.74 16.32
N HIS B 254 -0.28 7.26 15.15
CA HIS B 254 0.06 8.61 14.75
C HIS B 254 -1.07 9.56 15.20
N ASP B 255 -2.25 9.02 15.46
CA ASP B 255 -3.46 9.79 15.75
C ASP B 255 -3.82 9.65 17.21
N VAL B 256 -2.95 10.22 18.04
CA VAL B 256 -3.10 10.09 19.49
C VAL B 256 -4.45 10.53 20.04
N LEU B 257 -4.88 11.73 19.69
CA LEU B 257 -6.11 12.26 20.22
C LEU B 257 -7.30 11.34 19.96
N GLU B 258 -7.51 11.03 18.69
CA GLU B 258 -8.69 10.23 18.31
C GLU B 258 -8.61 8.79 18.78
N VAL B 259 -7.43 8.19 18.69
CA VAL B 259 -7.27 6.79 19.11
C VAL B 259 -7.36 6.69 20.64
N ARG B 260 -6.83 7.67 21.37
CA ARG B 260 -6.96 7.65 22.81
C ARG B 260 -8.44 7.70 23.18
N ARG B 261 -9.18 8.59 22.54
CA ARG B 261 -10.61 8.71 22.85
C ARG B 261 -11.42 7.47 22.50
N GLY B 262 -11.14 6.85 21.35
CA GLY B 262 -11.82 5.63 20.96
C GLY B 262 -11.48 4.50 21.92
N CYS B 263 -10.20 4.41 22.30
CA CYS B 263 -9.79 3.35 23.23
C CYS B 263 -10.42 3.48 24.62
N GLU B 264 -10.65 4.73 25.07
CA GLU B 264 -11.28 4.99 26.36
C GLU B 264 -12.66 4.34 26.39
N ILE B 265 -13.35 4.35 25.24
CA ILE B 265 -14.66 3.71 25.13
C ILE B 265 -14.53 2.21 25.31
N ALA B 266 -13.51 1.59 24.71
CA ALA B 266 -13.29 0.16 24.89
C ALA B 266 -13.01 -0.15 26.35
N THR B 267 -12.22 0.69 27.01
CA THR B 267 -11.92 0.47 28.43
C THR B 267 -13.20 0.52 29.26
N ALA B 268 -14.06 1.48 28.95
CA ALA B 268 -15.32 1.63 29.68
C ALA B 268 -16.23 0.41 29.49
N ILE B 269 -16.23 -0.14 28.29
CA ILE B 269 -17.01 -1.34 27.97
C ILE B 269 -16.48 -2.54 28.79
N ASN B 270 -15.17 -2.57 29.02
CA ASN B 270 -14.54 -3.63 29.85
C ASN B 270 -14.67 -3.41 31.35
N GLN B 271 -15.19 -2.27 31.77
CA GLN B 271 -15.34 -2.00 33.18
C GLN B 271 -16.58 -2.71 33.76
N PRO B 272 -16.38 -3.68 34.67
CA PRO B 272 -17.55 -4.32 35.25
C PRO B 272 -18.30 -3.38 36.19
N PRO B 273 -19.57 -3.69 36.49
CA PRO B 273 -20.37 -2.84 37.35
C PRO B 273 -19.89 -2.75 38.80
N GLU B 274 -20.63 -1.95 39.56
CA GLU B 274 -20.36 -1.67 40.98
C GLU B 274 -20.99 -2.72 41.90
#